data_3ZG1
#
_entry.id   3ZG1
#
_cell.length_a   31.846
_cell.length_b   79.125
_cell.length_c   93.475
_cell.angle_alpha   90.00
_cell.angle_beta   90.10
_cell.angle_gamma   90.00
#
_symmetry.space_group_name_H-M   'P 1 21 1'
#
loop_
_entity.id
_entity.type
_entity.pdbx_description
1 polymer 'NICKEL AND COBALT RESISTANCE PROTEIN CNRR'
2 non-polymer DI(HYDROXYETHYL)ETHER
3 non-polymer 'NICKEL (II) ION'
4 non-polymer 'CHLORIDE ION'
5 non-polymer GLYCEROL
6 non-polymer 'TRIETHYLENE GLYCOL'
7 water water
#
_entity_poly.entity_id   1
_entity_poly.type   'polypeptide(L)'
_entity_poly.pdbx_seq_one_letter_code
;MMKSRTRRLSLSTLFGALLGVSVAAAWLYYSHRNEAGHGDLHEILHEAVPLDANEREILELKEDAFAQRRREIETRLRAA
NGKLADAIAKNPAWSPEVEAATQEVERAAGDLQRATLVHVFEARAGLKPEHRPAYDRVLIDALRRGSQ
;
_entity_poly.pdbx_strand_id   A,B,C,D
#
loop_
_chem_comp.id
_chem_comp.type
_chem_comp.name
_chem_comp.formula
CL non-polymer 'CHLORIDE ION' 'Cl -1'
GOL non-polymer GLYCEROL 'C3 H8 O3'
NI non-polymer 'NICKEL (II) ION' 'Ni 2'
PEG non-polymer DI(HYDROXYETHYL)ETHER 'C4 H10 O3'
PGE non-polymer 'TRIETHYLENE GLYCOL' 'C6 H14 O4'
#
# COMPACT_ATOMS: atom_id res chain seq x y z
N ASP A 40 6.56 -14.68 -14.93
CA ASP A 40 7.28 -13.77 -14.05
C ASP A 40 6.97 -12.30 -14.37
N LEU A 41 5.69 -11.96 -14.34
CA LEU A 41 5.26 -10.58 -14.61
C LEU A 41 5.82 -9.62 -13.56
N HIS A 42 5.00 -9.29 -12.56
CA HIS A 42 5.40 -8.50 -11.37
C HIS A 42 6.73 -7.74 -11.47
N GLU A 43 7.81 -8.50 -11.59
CA GLU A 43 9.14 -7.96 -11.82
C GLU A 43 9.16 -7.10 -13.08
N ILE A 44 8.46 -7.57 -14.11
CA ILE A 44 8.32 -6.82 -15.35
C ILE A 44 7.70 -5.46 -15.09
N LEU A 45 6.57 -5.45 -14.37
CA LEU A 45 5.84 -4.22 -14.09
C LEU A 45 6.55 -3.35 -13.05
N HIS A 46 7.24 -3.99 -12.11
CA HIS A 46 8.00 -3.25 -11.10
C HIS A 46 9.03 -2.35 -11.76
N GLU A 47 8.83 -1.04 -11.61
CA GLU A 47 9.68 -0.03 -12.21
C GLU A 47 9.72 -0.09 -13.75
N ALA A 48 8.62 -0.54 -14.34
CA ALA A 48 8.47 -0.51 -15.78
C ALA A 48 7.99 0.88 -16.19
N VAL A 49 7.08 1.42 -15.39
N VAL A 49 7.11 1.43 -15.37
CA VAL A 49 6.57 2.77 -15.63
CA VAL A 49 6.54 2.75 -15.61
C VAL A 49 7.09 3.73 -14.56
C VAL A 49 7.03 3.75 -14.55
N PRO A 50 7.47 4.94 -14.98
CA PRO A 50 7.94 5.97 -14.05
C PRO A 50 6.83 6.41 -13.09
N LEU A 51 7.20 6.62 -11.83
CA LEU A 51 6.25 7.05 -10.81
C LEU A 51 6.71 8.38 -10.23
N ASP A 52 5.77 9.25 -9.89
CA ASP A 52 6.12 10.46 -9.16
C ASP A 52 6.14 10.18 -7.66
N ALA A 53 6.59 11.15 -6.88
CA ALA A 53 6.78 10.96 -5.43
C ALA A 53 5.53 10.45 -4.72
N ASN A 54 4.38 10.99 -5.07
CA ASN A 54 3.13 10.59 -4.45
C ASN A 54 2.70 9.18 -4.83
N GLU A 55 2.88 8.82 -6.10
CA GLU A 55 2.58 7.47 -6.56
C GLU A 55 3.51 6.46 -5.91
N ARG A 56 4.79 6.82 -5.81
CA ARG A 56 5.81 5.93 -5.27
C ARG A 56 5.61 5.62 -3.80
N GLU A 57 5.33 6.64 -3.00
CA GLU A 57 5.15 6.44 -1.56
C GLU A 57 3.91 5.60 -1.26
N ILE A 58 2.90 5.69 -2.13
CA ILE A 58 1.70 4.87 -2.00
C ILE A 58 1.99 3.45 -2.46
N LEU A 59 2.72 3.33 -3.56
CA LEU A 59 3.03 2.03 -4.16
C LEU A 59 3.83 1.14 -3.21
N GLU A 60 4.70 1.75 -2.40
CA GLU A 60 5.53 0.98 -1.48
C GLU A 60 4.71 0.42 -0.32
N LEU A 61 3.64 1.10 0.04
CA LEU A 61 2.73 0.60 1.06
C LEU A 61 1.97 -0.60 0.50
N LYS A 62 1.67 -0.55 -0.79
CA LYS A 62 0.96 -1.63 -1.45
C LYS A 62 1.87 -2.81 -1.71
N GLU A 63 3.18 -2.55 -1.79
CA GLU A 63 4.16 -3.61 -1.97
C GLU A 63 4.40 -4.37 -0.67
N ASP A 64 4.33 -3.67 0.46
CA ASP A 64 4.47 -4.30 1.75
C ASP A 64 3.29 -5.23 2.01
N ALA A 65 2.09 -4.73 1.75
CA ALA A 65 0.87 -5.51 1.92
C ALA A 65 0.92 -6.76 1.06
N PHE A 66 1.40 -6.62 -0.17
CA PHE A 66 1.57 -7.77 -1.05
C PHE A 66 2.60 -8.74 -0.50
N ALA A 67 3.68 -8.19 0.06
CA ALA A 67 4.76 -8.99 0.62
C ALA A 67 4.26 -9.88 1.75
N GLN A 68 3.43 -9.30 2.62
CA GLN A 68 2.88 -10.03 3.76
C GLN A 68 1.98 -11.17 3.30
N ARG A 69 1.24 -10.95 2.22
CA ARG A 69 0.38 -11.97 1.66
C ARG A 69 1.23 -13.06 1.00
N ARG A 70 2.26 -12.64 0.28
CA ARG A 70 3.18 -13.55 -0.37
C ARG A 70 3.82 -14.47 0.66
N ARG A 71 4.30 -13.87 1.75
CA ARG A 71 4.92 -14.62 2.83
C ARG A 71 3.92 -15.57 3.49
N GLU A 72 2.66 -15.16 3.54
CA GLU A 72 1.61 -15.95 4.19
C GLU A 72 1.33 -17.23 3.42
N ILE A 73 1.29 -17.14 2.10
CA ILE A 73 1.06 -18.30 1.26
C ILE A 73 2.28 -19.21 1.26
N GLU A 74 3.47 -18.62 1.19
CA GLU A 74 4.71 -19.37 1.15
C GLU A 74 4.94 -20.17 2.43
N THR A 75 4.44 -19.65 3.55
CA THR A 75 4.53 -20.36 4.82
C THR A 75 3.73 -21.66 4.77
N ARG A 76 2.52 -21.57 4.22
CA ARG A 76 1.67 -22.75 4.05
C ARG A 76 2.30 -23.76 3.09
N LEU A 77 2.90 -23.25 2.02
CA LEU A 77 3.55 -24.11 1.03
C LEU A 77 4.75 -24.84 1.63
N ARG A 78 5.54 -24.10 2.40
CA ARG A 78 6.69 -24.69 3.09
C ARG A 78 6.25 -25.78 4.06
N ALA A 79 5.19 -25.50 4.81
CA ALA A 79 4.64 -26.46 5.75
C ALA A 79 4.17 -27.72 5.02
N ALA A 80 3.56 -27.52 3.85
CA ALA A 80 3.07 -28.63 3.04
C ALA A 80 4.23 -29.47 2.52
N ASN A 81 5.30 -28.79 2.08
CA ASN A 81 6.48 -29.46 1.57
C ASN A 81 7.18 -30.31 2.62
N GLY A 82 7.19 -29.81 3.85
CA GLY A 82 7.77 -30.54 4.96
C GLY A 82 6.98 -31.78 5.30
N LYS A 83 5.65 -31.66 5.25
CA LYS A 83 4.78 -32.81 5.49
C LYS A 83 5.00 -33.88 4.42
N LEU A 84 5.20 -33.44 3.18
CA LEU A 84 5.45 -34.34 2.07
C LEU A 84 6.72 -35.15 2.31
N ALA A 85 7.75 -34.49 2.82
CA ALA A 85 9.01 -35.15 3.09
C ALA A 85 8.91 -36.17 4.22
N ASP A 86 8.13 -35.83 5.25
CA ASP A 86 7.92 -36.71 6.40
C ASP A 86 7.27 -38.02 5.96
N ALA A 87 6.16 -37.91 5.24
CA ALA A 87 5.41 -39.06 4.78
C ALA A 87 6.22 -39.93 3.83
N ILE A 88 6.90 -39.28 2.88
CA ILE A 88 7.67 -39.99 1.86
C ILE A 88 8.86 -40.74 2.46
N ALA A 89 9.55 -40.12 3.41
CA ALA A 89 10.67 -40.77 4.09
C ALA A 89 10.21 -42.01 4.84
N LYS A 90 9.03 -41.92 5.46
CA LYS A 90 8.46 -43.03 6.20
C LYS A 90 7.82 -44.07 5.28
N ASN A 91 7.05 -43.58 4.31
CA ASN A 91 6.31 -44.43 3.39
C ASN A 91 6.20 -43.79 2.00
N PRO A 92 7.07 -44.21 1.07
CA PRO A 92 7.12 -43.60 -0.27
C PRO A 92 5.97 -44.03 -1.17
N ALA A 93 4.75 -43.68 -0.78
CA ALA A 93 3.58 -43.97 -1.59
C ALA A 93 2.51 -42.91 -1.33
N TRP A 94 1.50 -42.83 -2.20
CA TRP A 94 0.47 -41.81 -2.07
C TRP A 94 -0.45 -42.09 -0.89
N SER A 95 0.02 -41.76 0.30
CA SER A 95 -0.76 -41.94 1.53
C SER A 95 -1.78 -40.81 1.65
N PRO A 96 -2.72 -40.94 2.61
CA PRO A 96 -3.62 -39.81 2.90
C PRO A 96 -2.84 -38.56 3.30
N GLU A 97 -1.67 -38.74 3.90
CA GLU A 97 -0.81 -37.63 4.27
C GLU A 97 -0.25 -36.95 3.03
N VAL A 98 0.08 -37.75 2.02
CA VAL A 98 0.59 -37.23 0.76
C VAL A 98 -0.51 -36.50 0.01
N GLU A 99 -1.73 -37.02 0.09
CA GLU A 99 -2.88 -36.40 -0.54
C GLU A 99 -3.20 -35.05 0.10
N ALA A 100 -3.30 -35.04 1.43
CA ALA A 100 -3.63 -33.83 2.17
C ALA A 100 -2.58 -32.73 1.94
N ALA A 101 -1.32 -33.13 1.92
CA ALA A 101 -0.23 -32.20 1.68
C ALA A 101 -0.25 -31.70 0.24
N THR A 102 -0.57 -32.59 -0.69
CA THR A 102 -0.64 -32.23 -2.11
C THR A 102 -1.74 -31.19 -2.36
N GLN A 103 -2.86 -31.33 -1.64
CA GLN A 103 -3.95 -30.37 -1.77
C GLN A 103 -3.55 -28.98 -1.27
N GLU A 104 -2.77 -28.94 -0.19
N GLU A 104 -2.76 -28.95 -0.19
CA GLU A 104 -2.28 -27.68 0.33
CA GLU A 104 -2.26 -27.70 0.35
C GLU A 104 -1.29 -27.03 -0.64
C GLU A 104 -1.31 -27.04 -0.65
N VAL A 105 -0.52 -27.86 -1.33
CA VAL A 105 0.42 -27.37 -2.34
C VAL A 105 -0.33 -26.78 -3.52
N GLU A 106 -1.37 -27.48 -3.96
CA GLU A 106 -2.19 -27.05 -5.08
C GLU A 106 -2.82 -25.70 -4.82
N ARG A 107 -3.36 -25.52 -3.62
CA ARG A 107 -4.00 -24.26 -3.24
C ARG A 107 -2.98 -23.13 -3.13
N ALA A 108 -1.81 -23.44 -2.56
CA ALA A 108 -0.75 -22.45 -2.42
C ALA A 108 -0.27 -21.95 -3.78
N ALA A 109 -0.04 -22.88 -4.70
CA ALA A 109 0.39 -22.54 -6.05
C ALA A 109 -0.65 -21.67 -6.74
N GLY A 110 -1.93 -21.95 -6.48
CA GLY A 110 -3.01 -21.17 -7.05
C GLY A 110 -3.12 -19.80 -6.43
N ASP A 111 -3.02 -19.74 -5.10
CA ASP A 111 -3.14 -18.48 -4.39
C ASP A 111 -2.07 -17.48 -4.80
N LEU A 112 -0.86 -17.98 -5.04
CA LEU A 112 0.26 -17.13 -5.46
C LEU A 112 -0.02 -16.47 -6.79
N GLN A 113 -0.66 -17.21 -7.70
CA GLN A 113 -1.04 -16.66 -8.99
C GLN A 113 -2.07 -15.56 -8.84
N ARG A 114 -3.07 -15.79 -8.00
CA ARG A 114 -4.11 -14.80 -7.75
C ARG A 114 -3.54 -13.60 -7.01
N ALA A 115 -2.59 -13.85 -6.11
CA ALA A 115 -1.98 -12.79 -5.33
C ALA A 115 -1.27 -11.76 -6.19
N THR A 116 -0.51 -12.23 -7.17
CA THR A 116 0.24 -11.35 -8.06
C THR A 116 -0.70 -10.55 -8.96
N LEU A 117 -1.73 -11.21 -9.48
CA LEU A 117 -2.69 -10.57 -10.37
C LEU A 117 -3.51 -9.49 -9.65
N VAL A 118 -3.88 -9.77 -8.41
CA VAL A 118 -4.60 -8.78 -7.63
C VAL A 118 -3.72 -7.55 -7.40
N HIS A 119 -2.46 -7.79 -7.10
CA HIS A 119 -1.53 -6.70 -6.80
C HIS A 119 -1.30 -5.75 -7.97
N VAL A 120 -1.24 -6.27 -9.19
CA VAL A 120 -1.03 -5.40 -10.34
C VAL A 120 -2.22 -4.47 -10.56
N PHE A 121 -3.39 -4.89 -10.11
CA PHE A 121 -4.58 -4.06 -10.14
C PHE A 121 -4.56 -3.08 -8.97
N GLU A 122 -4.04 -3.54 -7.83
CA GLU A 122 -3.90 -2.68 -6.66
C GLU A 122 -2.88 -1.58 -6.89
N ALA A 123 -1.76 -1.94 -7.52
CA ALA A 123 -0.71 -0.99 -7.85
C ALA A 123 -1.22 0.02 -8.88
N ARG A 124 -2.06 -0.44 -9.79
CA ARG A 124 -2.65 0.43 -10.80
C ARG A 124 -3.54 1.47 -10.14
N ALA A 125 -4.24 1.06 -9.09
CA ALA A 125 -5.13 1.95 -8.36
C ALA A 125 -4.36 3.08 -7.68
N GLY A 126 -3.10 2.84 -7.38
CA GLY A 126 -2.27 3.83 -6.70
C GLY A 126 -1.71 4.89 -7.65
N LEU A 127 -1.97 4.72 -8.94
CA LEU A 127 -1.49 5.66 -9.94
C LEU A 127 -2.53 6.75 -10.23
N LYS A 128 -2.04 7.94 -10.55
CA LYS A 128 -2.91 9.01 -11.02
C LYS A 128 -3.53 8.59 -12.34
N PRO A 129 -4.85 8.81 -12.49
CA PRO A 129 -5.65 8.42 -13.67
C PRO A 129 -4.93 8.63 -15.01
N GLU A 130 -4.20 9.73 -15.16
CA GLU A 130 -3.51 10.02 -16.41
C GLU A 130 -2.27 9.14 -16.62
N HIS A 131 -1.80 8.50 -15.55
CA HIS A 131 -0.61 7.65 -15.64
C HIS A 131 -0.99 6.18 -15.80
N ARG A 132 -2.27 5.88 -15.66
CA ARG A 132 -2.76 4.51 -15.77
C ARG A 132 -2.70 3.88 -17.17
N PRO A 133 -3.03 4.64 -18.23
CA PRO A 133 -2.93 4.05 -19.58
C PRO A 133 -1.53 3.54 -19.96
N ALA A 134 -0.49 4.23 -19.54
CA ALA A 134 0.87 3.78 -19.82
C ALA A 134 1.15 2.47 -19.09
N TYR A 135 0.59 2.36 -17.89
CA TYR A 135 0.71 1.16 -17.07
C TYR A 135 0.01 -0.01 -17.75
N ASP A 136 -1.13 0.28 -18.38
CA ASP A 136 -1.93 -0.76 -19.01
C ASP A 136 -1.18 -1.42 -20.16
N ARG A 137 -0.50 -0.63 -20.98
CA ARG A 137 0.21 -1.14 -22.15
C ARG A 137 1.27 -2.19 -21.79
N VAL A 138 2.12 -1.87 -20.83
N VAL A 138 2.11 -1.86 -20.82
CA VAL A 138 3.17 -2.80 -20.41
CA VAL A 138 3.16 -2.76 -20.36
C VAL A 138 2.55 -4.04 -19.76
C VAL A 138 2.53 -4.03 -19.79
N LEU A 139 1.40 -3.86 -19.11
CA LEU A 139 0.68 -4.99 -18.53
C LEU A 139 0.10 -5.88 -19.62
N ILE A 140 -0.49 -5.26 -20.64
N ILE A 140 -0.49 -5.25 -20.64
CA ILE A 140 -1.08 -6.01 -21.76
CA ILE A 140 -1.07 -5.98 -21.77
C ILE A 140 -0.01 -6.74 -22.57
C ILE A 140 0.00 -6.75 -22.54
N ASP A 141 1.12 -6.07 -22.81
CA ASP A 141 2.23 -6.68 -23.54
C ASP A 141 2.84 -7.86 -22.77
N ALA A 142 2.91 -7.73 -21.45
CA ALA A 142 3.47 -8.76 -20.61
C ALA A 142 2.61 -10.02 -20.64
N LEU A 143 1.30 -9.84 -20.53
CA LEU A 143 0.36 -10.96 -20.56
C LEU A 143 0.31 -11.59 -21.95
N ARG A 144 0.43 -10.75 -22.98
CA ARG A 144 0.43 -11.22 -24.36
C ARG A 144 1.63 -12.14 -24.60
N ARG A 145 2.81 -11.66 -24.21
CA ARG A 145 4.04 -12.44 -24.31
C ARG A 145 3.90 -13.75 -23.55
N GLY A 146 3.22 -13.69 -22.42
CA GLY A 146 3.01 -14.86 -21.58
C GLY A 146 1.97 -15.82 -22.10
N SER A 147 1.39 -15.50 -23.26
CA SER A 147 0.41 -16.38 -23.89
C SER A 147 1.00 -17.09 -25.09
N GLN A 148 2.29 -16.82 -25.35
CA GLN A 148 2.97 -17.38 -26.50
C GLN A 148 3.74 -18.65 -26.13
N ASP B 40 10.50 -27.87 -11.41
CA ASP B 40 11.73 -27.74 -10.64
C ASP B 40 12.17 -29.08 -10.08
N LEU B 41 11.35 -29.66 -9.20
CA LEU B 41 11.64 -30.94 -8.56
C LEU B 41 11.93 -32.04 -9.58
N HIS B 42 11.14 -32.07 -10.65
CA HIS B 42 11.29 -33.09 -11.68
C HIS B 42 12.63 -32.94 -12.40
N GLU B 43 13.07 -31.70 -12.57
CA GLU B 43 14.33 -31.43 -13.25
C GLU B 43 15.52 -31.74 -12.35
N ILE B 44 15.32 -31.61 -11.04
CA ILE B 44 16.34 -31.96 -10.06
C ILE B 44 16.56 -33.46 -10.04
N LEU B 45 15.45 -34.21 -10.06
CA LEU B 45 15.51 -35.67 -10.03
C LEU B 45 16.26 -36.24 -11.22
N HIS B 46 15.96 -35.74 -12.42
CA HIS B 46 16.61 -36.21 -13.63
C HIS B 46 18.06 -35.75 -13.70
N GLU B 47 18.38 -34.70 -12.95
CA GLU B 47 19.74 -34.17 -12.93
C GLU B 47 20.56 -34.90 -11.88
N ALA B 48 19.91 -35.32 -10.79
CA ALA B 48 20.60 -35.91 -9.66
C ALA B 48 20.55 -37.44 -9.64
N VAL B 49 19.48 -38.02 -10.17
CA VAL B 49 19.36 -39.47 -10.21
C VAL B 49 19.21 -39.99 -11.65
N PRO B 50 20.33 -40.06 -12.38
CA PRO B 50 20.30 -40.58 -13.75
C PRO B 50 19.93 -42.06 -13.79
N LEU B 51 18.93 -42.40 -14.59
CA LEU B 51 18.49 -43.78 -14.75
C LEU B 51 19.29 -44.48 -15.85
N ASP B 52 19.71 -45.71 -15.58
CA ASP B 52 20.55 -46.46 -16.52
C ASP B 52 19.80 -46.87 -17.78
N ALA B 53 20.54 -47.37 -18.76
CA ALA B 53 20.02 -47.71 -20.08
C ALA B 53 18.79 -48.62 -20.05
N ASN B 54 18.76 -49.53 -19.09
N ASN B 54 18.76 -49.54 -19.10
CA ASN B 54 17.60 -50.42 -18.92
CA ASN B 54 17.60 -50.42 -18.92
C ASN B 54 16.36 -49.66 -18.47
C ASN B 54 16.37 -49.64 -18.49
N GLU B 55 16.52 -48.86 -17.40
CA GLU B 55 15.43 -48.03 -16.91
C GLU B 55 15.12 -46.92 -17.90
N ARG B 56 16.13 -46.55 -18.68
CA ARG B 56 15.98 -45.55 -19.74
C ARG B 56 14.90 -45.96 -20.74
N GLU B 57 15.03 -47.17 -21.29
CA GLU B 57 14.09 -47.70 -22.27
C GLU B 57 12.72 -47.99 -21.64
N ILE B 58 12.72 -48.37 -20.37
CA ILE B 58 11.48 -48.67 -19.67
C ILE B 58 10.61 -47.44 -19.45
N LEU B 59 11.20 -46.39 -18.87
CA LEU B 59 10.44 -45.21 -18.48
C LEU B 59 10.17 -44.24 -19.64
N GLU B 60 10.58 -44.60 -20.84
CA GLU B 60 10.45 -43.72 -22.00
C GLU B 60 9.01 -43.29 -22.28
N LEU B 61 8.09 -44.25 -22.24
CA LEU B 61 6.68 -43.96 -22.48
C LEU B 61 6.08 -43.11 -21.37
N LYS B 62 6.43 -43.42 -20.13
N LYS B 62 6.44 -43.44 -20.13
CA LYS B 62 5.90 -42.70 -18.97
CA LYS B 62 5.94 -42.72 -18.95
C LYS B 62 6.42 -41.26 -18.91
C LYS B 62 6.40 -41.27 -18.95
N GLU B 63 7.66 -41.05 -19.32
CA GLU B 63 8.23 -39.71 -19.37
C GLU B 63 7.62 -38.92 -20.51
N ASP B 64 7.34 -39.60 -21.62
CA ASP B 64 6.70 -38.99 -22.77
C ASP B 64 5.30 -38.55 -22.40
N ALA B 65 4.61 -39.40 -21.63
CA ALA B 65 3.24 -39.11 -21.18
C ALA B 65 3.20 -37.89 -20.28
N PHE B 66 4.14 -37.81 -19.34
CA PHE B 66 4.24 -36.65 -18.46
C PHE B 66 4.49 -35.38 -19.27
N ALA B 67 5.35 -35.50 -20.27
CA ALA B 67 5.69 -34.38 -21.13
C ALA B 67 4.46 -33.81 -21.82
N GLN B 68 3.56 -34.70 -22.23
CA GLN B 68 2.32 -34.29 -22.88
C GLN B 68 1.38 -33.62 -21.88
N ARG B 69 1.21 -34.25 -20.72
CA ARG B 69 0.40 -33.72 -19.64
C ARG B 69 0.89 -32.33 -19.24
N ARG B 70 2.21 -32.18 -19.22
CA ARG B 70 2.85 -30.92 -18.87
C ARG B 70 2.47 -29.81 -19.84
N ARG B 71 2.69 -30.04 -21.13
CA ARG B 71 2.36 -29.05 -22.15
C ARG B 71 0.87 -28.73 -22.15
N GLU B 72 0.04 -29.74 -21.88
CA GLU B 72 -1.40 -29.56 -21.83
C GLU B 72 -1.80 -28.52 -20.80
N ILE B 73 -1.29 -28.67 -19.59
CA ILE B 73 -1.61 -27.75 -18.50
C ILE B 73 -0.99 -26.38 -18.76
N GLU B 74 0.17 -26.37 -19.41
CA GLU B 74 0.87 -25.13 -19.70
C GLU B 74 0.17 -24.27 -20.76
N THR B 75 -0.43 -24.92 -21.76
CA THR B 75 -1.17 -24.18 -22.78
C THR B 75 -2.46 -23.63 -22.20
N ARG B 76 -2.97 -24.28 -21.15
CA ARG B 76 -4.12 -23.78 -20.43
C ARG B 76 -3.75 -22.49 -19.70
N LEU B 77 -2.52 -22.44 -19.19
CA LEU B 77 -2.03 -21.30 -18.46
C LEU B 77 -1.79 -20.12 -19.40
N ARG B 78 -1.16 -20.41 -20.54
CA ARG B 78 -0.87 -19.38 -21.53
C ARG B 78 -2.13 -18.84 -22.19
N ALA B 79 -3.09 -19.72 -22.48
CA ALA B 79 -4.37 -19.30 -23.05
C ALA B 79 -5.08 -18.35 -22.10
N ALA B 80 -4.97 -18.61 -20.81
CA ALA B 80 -5.57 -17.77 -19.79
C ALA B 80 -4.90 -16.40 -19.76
N ASN B 81 -3.59 -16.39 -19.97
CA ASN B 81 -2.85 -15.13 -20.10
C ASN B 81 -3.35 -14.37 -21.32
N GLY B 82 -3.76 -15.11 -22.35
CA GLY B 82 -4.32 -14.50 -23.54
C GLY B 82 -5.67 -13.86 -23.26
N LYS B 83 -6.49 -14.54 -22.48
CA LYS B 83 -7.81 -14.02 -22.10
C LYS B 83 -7.68 -12.76 -21.25
N LEU B 84 -6.71 -12.75 -20.35
CA LEU B 84 -6.47 -11.60 -19.49
C LEU B 84 -6.02 -10.40 -20.29
N ALA B 85 -5.17 -10.65 -21.29
CA ALA B 85 -4.69 -9.58 -22.16
C ALA B 85 -5.82 -8.96 -22.98
N ASP B 86 -6.66 -9.82 -23.56
CA ASP B 86 -7.79 -9.35 -24.35
C ASP B 86 -8.80 -8.61 -23.50
N ALA B 87 -8.99 -9.08 -22.27
CA ALA B 87 -9.97 -8.50 -21.36
C ALA B 87 -9.57 -7.09 -20.92
N ILE B 88 -8.37 -6.99 -20.36
CA ILE B 88 -7.86 -5.71 -19.85
C ILE B 88 -7.76 -4.68 -20.97
N ALA B 89 -7.52 -5.14 -22.18
CA ALA B 89 -7.46 -4.26 -23.35
C ALA B 89 -8.82 -3.63 -23.63
N LYS B 90 -9.88 -4.37 -23.36
CA LYS B 90 -11.24 -3.89 -23.58
C LYS B 90 -11.76 -3.13 -22.35
N ASN B 91 -11.36 -3.56 -21.17
CA ASN B 91 -11.75 -2.91 -19.93
C ASN B 91 -10.77 -3.19 -18.80
N PRO B 92 -9.86 -2.25 -18.55
CA PRO B 92 -8.84 -2.38 -17.49
C PRO B 92 -9.46 -2.39 -16.09
N ALA B 93 -10.17 -3.47 -15.78
CA ALA B 93 -10.81 -3.64 -14.48
C ALA B 93 -10.96 -5.12 -14.19
N TRP B 94 -11.25 -5.47 -12.94
CA TRP B 94 -11.49 -6.86 -12.60
C TRP B 94 -12.85 -7.28 -13.14
N SER B 95 -12.91 -7.50 -14.45
CA SER B 95 -14.13 -7.87 -15.13
C SER B 95 -14.45 -9.35 -14.88
N PRO B 96 -15.68 -9.77 -15.19
CA PRO B 96 -16.04 -11.20 -15.11
C PRO B 96 -15.08 -12.11 -15.87
N GLU B 97 -14.52 -11.62 -16.98
CA GLU B 97 -13.57 -12.41 -17.76
C GLU B 97 -12.22 -12.48 -17.06
N VAL B 98 -11.82 -11.38 -16.41
CA VAL B 98 -10.57 -11.34 -15.65
C VAL B 98 -10.63 -12.35 -14.49
N GLU B 99 -11.75 -12.36 -13.78
CA GLU B 99 -11.96 -13.30 -12.68
C GLU B 99 -11.92 -14.75 -13.17
N ALA B 100 -12.61 -15.03 -14.26
CA ALA B 100 -12.70 -16.38 -14.81
C ALA B 100 -11.36 -16.87 -15.33
N ALA B 101 -10.61 -16.00 -16.00
CA ALA B 101 -9.31 -16.36 -16.53
C ALA B 101 -8.31 -16.58 -15.39
N THR B 102 -8.47 -15.80 -14.33
CA THR B 102 -7.62 -15.94 -13.15
C THR B 102 -7.86 -17.30 -12.50
N GLN B 103 -9.12 -17.71 -12.42
CA GLN B 103 -9.48 -19.00 -11.86
C GLN B 103 -8.88 -20.16 -12.67
N GLU B 104 -8.79 -19.97 -13.98
CA GLU B 104 -8.17 -20.98 -14.84
C GLU B 104 -6.66 -21.04 -14.60
N VAL B 105 -6.04 -19.88 -14.41
CA VAL B 105 -4.63 -19.81 -14.06
C VAL B 105 -4.39 -20.55 -12.76
N GLU B 106 -5.29 -20.34 -11.79
CA GLU B 106 -5.21 -20.99 -10.50
C GLU B 106 -5.26 -22.51 -10.61
N ARG B 107 -6.23 -23.00 -11.38
CA ARG B 107 -6.45 -24.43 -11.53
C ARG B 107 -5.30 -25.08 -12.30
N ALA B 108 -4.73 -24.33 -13.22
CA ALA B 108 -3.60 -24.83 -14.01
C ALA B 108 -2.35 -24.97 -13.14
N ALA B 109 -2.07 -23.96 -12.34
CA ALA B 109 -0.90 -23.98 -11.46
C ALA B 109 -0.99 -25.12 -10.43
N GLY B 110 -2.20 -25.39 -9.96
CA GLY B 110 -2.42 -26.49 -9.02
C GLY B 110 -2.32 -27.84 -9.70
N ASP B 111 -2.86 -27.94 -10.91
CA ASP B 111 -2.81 -29.19 -11.67
C ASP B 111 -1.39 -29.57 -12.03
N LEU B 112 -0.52 -28.57 -12.15
CA LEU B 112 0.88 -28.82 -12.48
C LEU B 112 1.62 -29.50 -11.34
N GLN B 113 1.25 -29.15 -10.11
CA GLN B 113 1.91 -29.70 -8.94
C GLN B 113 1.51 -31.14 -8.66
N ARG B 114 0.22 -31.45 -8.79
CA ARG B 114 -0.25 -32.81 -8.59
C ARG B 114 0.25 -33.72 -9.70
N ALA B 115 0.23 -33.22 -10.94
CA ALA B 115 0.69 -33.99 -12.08
C ALA B 115 2.18 -34.33 -11.98
N THR B 116 2.96 -33.40 -11.44
CA THR B 116 4.39 -33.62 -11.27
C THR B 116 4.64 -34.70 -10.22
N LEU B 117 3.98 -34.57 -9.08
CA LEU B 117 4.17 -35.50 -7.97
C LEU B 117 3.70 -36.91 -8.33
N VAL B 118 2.62 -36.99 -9.12
CA VAL B 118 2.14 -38.27 -9.62
C VAL B 118 3.20 -38.95 -10.48
N HIS B 119 3.84 -38.17 -11.35
CA HIS B 119 4.90 -38.69 -12.19
C HIS B 119 6.13 -39.10 -11.37
N VAL B 120 6.41 -38.34 -10.31
CA VAL B 120 7.55 -38.63 -9.45
C VAL B 120 7.41 -40.01 -8.79
N PHE B 121 6.19 -40.33 -8.35
CA PHE B 121 5.92 -41.65 -7.80
C PHE B 121 5.86 -42.70 -8.90
N GLU B 122 5.48 -42.28 -10.10
CA GLU B 122 5.33 -43.21 -11.22
C GLU B 122 6.68 -43.71 -11.73
N ALA B 123 7.62 -42.78 -11.89
CA ALA B 123 8.96 -43.13 -12.35
C ALA B 123 9.66 -43.99 -11.31
N ARG B 124 9.36 -43.74 -10.04
CA ARG B 124 9.96 -44.47 -8.93
C ARG B 124 9.67 -45.97 -9.03
N ALA B 125 8.42 -46.30 -9.36
CA ALA B 125 8.00 -47.69 -9.46
C ALA B 125 8.71 -48.42 -10.60
N GLY B 126 9.15 -47.67 -11.60
CA GLY B 126 9.82 -48.27 -12.74
C GLY B 126 11.30 -48.48 -12.53
N LEU B 127 11.81 -48.01 -11.39
CA LEU B 127 13.22 -48.15 -11.07
C LEU B 127 13.54 -49.53 -10.51
N LYS B 128 14.79 -49.94 -10.62
CA LYS B 128 15.26 -51.15 -9.96
C LYS B 128 15.19 -50.90 -8.46
N PRO B 129 14.94 -51.97 -7.68
CA PRO B 129 14.84 -51.85 -6.22
C PRO B 129 16.09 -51.24 -5.61
N GLU B 130 17.25 -51.50 -6.19
CA GLU B 130 18.52 -50.99 -5.68
C GLU B 130 18.66 -49.48 -5.87
N HIS B 131 18.03 -48.95 -6.92
CA HIS B 131 18.22 -47.55 -7.28
C HIS B 131 17.26 -46.60 -6.58
N ARG B 132 16.21 -47.15 -5.98
CA ARG B 132 15.19 -46.35 -5.31
C ARG B 132 15.66 -45.49 -4.11
N PRO B 133 16.51 -46.05 -3.22
CA PRO B 133 16.97 -45.25 -2.08
C PRO B 133 17.64 -43.92 -2.47
N ALA B 134 18.42 -43.91 -3.54
CA ALA B 134 19.05 -42.69 -4.01
C ALA B 134 18.01 -41.70 -4.54
N TYR B 135 17.08 -42.22 -5.33
CA TYR B 135 15.96 -41.45 -5.86
C TYR B 135 15.19 -40.80 -4.72
N ASP B 136 14.93 -41.57 -3.67
CA ASP B 136 14.22 -41.08 -2.50
C ASP B 136 14.98 -39.97 -1.79
N ARG B 137 16.29 -40.15 -1.64
N ARG B 137 16.28 -40.14 -1.63
CA ARG B 137 17.14 -39.18 -0.96
CA ARG B 137 17.11 -39.15 -0.94
C ARG B 137 17.06 -37.81 -1.61
C ARG B 137 17.03 -37.79 -1.62
N VAL B 138 17.20 -37.77 -2.93
CA VAL B 138 17.12 -36.54 -3.70
C VAL B 138 15.73 -35.94 -3.60
N LEU B 139 14.72 -36.80 -3.68
CA LEU B 139 13.32 -36.39 -3.57
C LEU B 139 13.00 -35.75 -2.22
N ILE B 140 13.35 -36.43 -1.14
CA ILE B 140 13.06 -35.96 0.20
C ILE B 140 13.86 -34.71 0.58
N ASP B 141 15.11 -34.64 0.14
CA ASP B 141 15.95 -33.48 0.42
C ASP B 141 15.45 -32.23 -0.28
N ALA B 142 14.97 -32.39 -1.51
CA ALA B 142 14.44 -31.27 -2.29
C ALA B 142 13.18 -30.72 -1.63
N LEU B 143 12.33 -31.62 -1.15
CA LEU B 143 11.09 -31.23 -0.48
C LEU B 143 11.37 -30.54 0.86
N ARG B 144 12.50 -30.87 1.49
CA ARG B 144 12.84 -30.26 2.77
C ARG B 144 13.52 -28.91 2.62
N ARG B 145 14.24 -28.70 1.52
CA ARG B 145 14.83 -27.40 1.27
C ARG B 145 13.77 -26.48 0.65
N GLY B 146 12.64 -27.07 0.29
CA GLY B 146 11.49 -26.31 -0.14
C GLY B 146 10.52 -26.14 1.01
N SER B 147 10.94 -26.55 2.19
CA SER B 147 10.15 -26.40 3.41
C SER B 147 10.82 -25.41 4.36
N GLN B 148 12.03 -25.01 4.00
CA GLN B 148 12.80 -24.06 4.80
C GLN B 148 12.74 -22.68 4.18
N ASP C 40 -1.24 16.00 15.37
CA ASP C 40 -0.70 15.39 16.58
C ASP C 40 -0.97 13.89 16.62
N LEU C 41 -1.34 13.32 15.47
CA LEU C 41 -1.51 11.88 15.36
C LEU C 41 -0.14 11.21 15.36
N HIS C 42 0.82 11.88 14.75
CA HIS C 42 2.21 11.40 14.74
C HIS C 42 2.75 11.35 16.15
N GLU C 43 2.45 12.38 16.92
CA GLU C 43 2.94 12.49 18.30
C GLU C 43 2.33 11.40 19.18
N ILE C 44 1.02 11.22 19.07
CA ILE C 44 0.32 10.27 19.92
C ILE C 44 0.67 8.81 19.58
N LEU C 45 1.09 8.59 18.34
CA LEU C 45 1.47 7.25 17.90
C LEU C 45 2.94 6.97 18.17
N HIS C 46 3.74 8.02 18.24
CA HIS C 46 5.17 7.88 18.48
C HIS C 46 5.42 7.29 19.86
N GLU C 47 6.11 6.14 19.88
CA GLU C 47 6.40 5.41 21.11
C GLU C 47 5.13 5.06 21.89
N ALA C 48 4.08 4.69 21.16
CA ALA C 48 2.84 4.27 21.78
C ALA C 48 2.79 2.76 21.93
N VAL C 49 3.55 2.07 21.07
CA VAL C 49 3.64 0.62 21.12
C VAL C 49 5.09 0.21 21.39
N PRO C 50 5.29 -0.99 21.96
CA PRO C 50 6.65 -1.50 22.17
C PRO C 50 7.40 -1.69 20.87
N LEU C 51 8.73 -1.69 20.93
CA LEU C 51 9.56 -1.90 19.75
C LEU C 51 10.78 -2.74 20.11
N ASP C 52 11.02 -3.80 19.34
CA ASP C 52 12.23 -4.58 19.54
C ASP C 52 13.42 -3.84 18.95
N ALA C 53 14.62 -4.40 19.10
CA ALA C 53 15.85 -3.75 18.64
C ALA C 53 15.83 -3.44 17.16
N ASN C 54 15.42 -4.42 16.36
CA ASN C 54 15.44 -4.27 14.90
C ASN C 54 14.27 -3.44 14.35
N GLU C 55 13.17 -3.40 15.08
CA GLU C 55 12.04 -2.57 14.68
C GLU C 55 12.36 -1.09 14.91
N ARG C 56 12.98 -0.79 16.04
CA ARG C 56 13.34 0.58 16.38
C ARG C 56 14.31 1.20 15.37
N GLU C 57 15.28 0.42 14.90
CA GLU C 57 16.27 0.96 14.00
C GLU C 57 15.72 1.24 12.59
N ILE C 58 14.78 0.43 12.15
N ILE C 58 14.79 0.41 12.14
CA ILE C 58 14.12 0.65 10.87
CA ILE C 58 14.14 0.63 10.86
C ILE C 58 13.17 1.83 10.97
C ILE C 58 13.18 1.81 10.98
N LEU C 59 12.41 1.90 12.05
N LEU C 59 12.47 1.87 12.10
CA LEU C 59 11.48 2.99 12.28
CA LEU C 59 11.51 2.92 12.36
C LEU C 59 12.21 4.31 12.56
C LEU C 59 12.20 4.26 12.56
N GLU C 60 13.48 4.22 12.89
CA GLU C 60 14.29 5.42 13.10
C GLU C 60 14.72 5.99 11.76
N LEU C 61 14.95 5.12 10.79
CA LEU C 61 15.30 5.54 9.44
C LEU C 61 14.09 6.14 8.75
N LYS C 62 12.93 5.54 8.97
CA LYS C 62 11.68 6.04 8.41
C LYS C 62 11.33 7.40 9.02
N GLU C 63 11.69 7.58 10.28
CA GLU C 63 11.43 8.83 10.98
C GLU C 63 12.26 9.96 10.38
N ASP C 64 13.47 9.63 9.93
CA ASP C 64 14.33 10.63 9.30
C ASP C 64 13.80 11.02 7.92
N ALA C 65 13.25 10.04 7.20
CA ALA C 65 12.67 10.29 5.89
C ALA C 65 11.45 11.20 6.03
N PHE C 66 10.67 10.96 7.09
CA PHE C 66 9.51 11.79 7.39
C PHE C 66 9.95 13.20 7.78
N ALA C 67 11.00 13.28 8.58
CA ALA C 67 11.54 14.55 9.04
C ALA C 67 11.99 15.42 7.87
N GLN C 68 12.52 14.79 6.83
CA GLN C 68 12.96 15.51 5.64
C GLN C 68 11.77 16.08 4.87
N ARG C 69 10.76 15.24 4.64
N ARG C 69 10.75 15.26 4.65
CA ARG C 69 9.55 15.64 3.93
CA ARG C 69 9.58 15.70 3.90
C ARG C 69 8.82 16.74 4.69
C ARG C 69 8.79 16.74 4.70
N ARG C 70 8.75 16.58 6.01
CA ARG C 70 8.05 17.54 6.87
C ARG C 70 8.73 18.90 6.85
N ARG C 71 10.05 18.91 7.02
CA ARG C 71 10.83 20.14 7.01
C ARG C 71 10.73 20.82 5.64
N GLU C 72 10.58 20.01 4.60
CA GLU C 72 10.46 20.52 3.23
C GLU C 72 9.13 21.25 3.05
N ILE C 73 8.07 20.64 3.54
CA ILE C 73 6.74 21.27 3.49
C ILE C 73 6.71 22.49 4.41
N GLU C 74 7.35 22.35 5.56
CA GLU C 74 7.40 23.41 6.57
C GLU C 74 8.03 24.67 5.99
N THR C 75 9.03 24.49 5.14
CA THR C 75 9.70 25.61 4.49
C THR C 75 8.76 26.33 3.56
N ARG C 76 7.99 25.57 2.78
CA ARG C 76 7.00 26.14 1.88
C ARG C 76 5.97 26.96 2.65
N LEU C 77 5.56 26.44 3.80
CA LEU C 77 4.60 27.11 4.66
C LEU C 77 5.18 28.44 5.13
N ARG C 78 6.42 28.40 5.60
CA ARG C 78 7.10 29.58 6.12
C ARG C 78 7.24 30.68 5.07
N ALA C 79 7.66 30.28 3.87
CA ALA C 79 7.83 31.23 2.78
C ALA C 79 6.50 31.86 2.37
N ALA C 80 5.45 31.03 2.33
CA ALA C 80 4.12 31.50 1.97
C ALA C 80 3.62 32.52 2.99
N ASN C 81 3.91 32.27 4.27
CA ASN C 81 3.55 33.21 5.31
C ASN C 81 4.31 34.53 5.18
N GLY C 82 5.61 34.45 4.90
CA GLY C 82 6.43 35.64 4.72
C GLY C 82 5.89 36.54 3.64
N LYS C 83 5.41 35.94 2.56
CA LYS C 83 4.84 36.70 1.45
C LYS C 83 3.49 37.32 1.80
N LEU C 84 2.75 36.65 2.69
CA LEU C 84 1.50 37.21 3.19
C LEU C 84 1.79 38.43 4.06
N ALA C 85 2.92 38.40 4.76
CA ALA C 85 3.33 39.50 5.61
C ALA C 85 3.62 40.74 4.78
N ASP C 86 4.40 40.57 3.71
CA ASP C 86 4.72 41.66 2.82
C ASP C 86 3.47 42.20 2.15
N ALA C 87 2.60 41.29 1.71
CA ALA C 87 1.38 41.65 1.02
C ALA C 87 0.46 42.53 1.86
N ILE C 88 0.16 42.06 3.06
CA ILE C 88 -0.72 42.78 3.99
C ILE C 88 -0.09 44.09 4.44
N ALA C 89 1.21 44.07 4.72
CA ALA C 89 1.93 45.28 5.13
C ALA C 89 1.96 46.30 4.01
N LYS C 90 1.99 45.83 2.76
CA LYS C 90 1.92 46.73 1.62
C LYS C 90 0.50 47.25 1.43
N ASN C 91 -0.43 46.31 1.24
CA ASN C 91 -1.82 46.65 1.00
C ASN C 91 -2.75 45.65 1.68
N PRO C 92 -3.34 46.04 2.82
CA PRO C 92 -4.23 45.16 3.58
C PRO C 92 -5.53 44.87 2.84
N ALA C 93 -5.43 44.16 1.73
CA ALA C 93 -6.58 43.73 0.95
C ALA C 93 -6.25 42.40 0.32
N TRP C 94 -7.27 41.70 -0.20
CA TRP C 94 -7.04 40.43 -0.85
C TRP C 94 -6.55 40.64 -2.28
N SER C 95 -5.24 40.87 -2.40
CA SER C 95 -4.62 41.12 -3.70
C SER C 95 -4.27 39.80 -4.39
N PRO C 96 -3.86 39.86 -5.66
CA PRO C 96 -3.30 38.67 -6.31
C PRO C 96 -2.13 38.08 -5.53
N GLU C 97 -1.39 38.92 -4.82
CA GLU C 97 -0.33 38.45 -3.95
C GLU C 97 -0.89 37.62 -2.80
N VAL C 98 -1.94 38.12 -2.17
CA VAL C 98 -2.58 37.43 -1.06
C VAL C 98 -3.14 36.07 -1.48
N GLU C 99 -3.87 36.07 -2.60
CA GLU C 99 -4.45 34.84 -3.14
C GLU C 99 -3.38 33.80 -3.42
N ALA C 100 -2.30 34.24 -4.06
CA ALA C 100 -1.20 33.36 -4.44
C ALA C 100 -0.56 32.70 -3.21
N ALA C 101 -0.29 33.50 -2.19
CA ALA C 101 0.33 32.99 -0.97
C ALA C 101 -0.63 32.10 -0.19
N THR C 102 -1.92 32.42 -0.27
CA THR C 102 -2.94 31.65 0.42
C THR C 102 -3.04 30.23 -0.11
N GLN C 103 -3.04 30.09 -1.43
CA GLN C 103 -3.07 28.77 -2.06
C GLN C 103 -1.86 27.94 -1.65
N GLU C 104 -0.72 28.60 -1.48
CA GLU C 104 0.50 27.93 -1.06
C GLU C 104 0.39 27.49 0.39
N VAL C 105 -0.26 28.31 1.21
CA VAL C 105 -0.55 27.95 2.60
C VAL C 105 -1.54 26.79 2.64
N GLU C 106 -2.57 26.88 1.80
CA GLU C 106 -3.56 25.82 1.68
C GLU C 106 -2.91 24.48 1.30
N ARG C 107 -2.05 24.51 0.29
CA ARG C 107 -1.42 23.30 -0.22
C ARG C 107 -0.45 22.71 0.80
N ALA C 108 0.27 23.59 1.50
CA ALA C 108 1.22 23.15 2.51
C ALA C 108 0.50 22.56 3.71
N ALA C 109 -0.65 23.13 4.04
CA ALA C 109 -1.47 22.64 5.15
C ALA C 109 -1.96 21.23 4.86
N GLY C 110 -2.47 21.02 3.65
CA GLY C 110 -2.96 19.71 3.24
C GLY C 110 -1.86 18.68 3.12
N ASP C 111 -0.72 19.10 2.56
CA ASP C 111 0.42 18.22 2.37
C ASP C 111 0.92 17.65 3.70
N LEU C 112 0.76 18.41 4.77
CA LEU C 112 1.22 17.98 6.09
C LEU C 112 0.34 16.88 6.65
N GLN C 113 -0.96 16.96 6.40
CA GLN C 113 -1.90 15.95 6.86
C GLN C 113 -1.66 14.64 6.13
N ARG C 114 -1.42 14.73 4.83
CA ARG C 114 -1.17 13.54 4.01
C ARG C 114 0.16 12.89 4.37
N ALA C 115 1.18 13.71 4.56
CA ALA C 115 2.51 13.21 4.92
C ALA C 115 2.50 12.49 6.25
N THR C 116 1.73 13.01 7.20
CA THR C 116 1.61 12.42 8.52
C THR C 116 0.91 11.06 8.46
N LEU C 117 -0.12 10.98 7.63
CA LEU C 117 -0.86 9.73 7.46
C LEU C 117 -0.04 8.67 6.74
N VAL C 118 0.71 9.09 5.72
CA VAL C 118 1.56 8.18 4.97
C VAL C 118 2.64 7.59 5.87
N HIS C 119 3.22 8.43 6.72
CA HIS C 119 4.26 7.98 7.65
C HIS C 119 3.71 6.97 8.65
N VAL C 120 2.46 7.14 9.04
CA VAL C 120 1.80 6.20 9.96
C VAL C 120 1.81 4.79 9.38
N PHE C 121 1.53 4.69 8.09
CA PHE C 121 1.54 3.40 7.39
C PHE C 121 2.96 2.92 7.11
N GLU C 122 3.85 3.85 6.77
CA GLU C 122 5.25 3.51 6.55
C GLU C 122 5.87 2.93 7.82
N ALA C 123 5.62 3.60 8.94
CA ALA C 123 6.10 3.14 10.25
C ALA C 123 5.48 1.79 10.59
N ARG C 124 4.23 1.59 10.18
CA ARG C 124 3.54 0.33 10.41
C ARG C 124 4.23 -0.80 9.66
N ALA C 125 4.59 -0.53 8.41
CA ALA C 125 5.22 -1.53 7.56
C ALA C 125 6.58 -1.96 8.09
N GLY C 126 7.16 -1.16 8.98
CA GLY C 126 8.44 -1.48 9.57
C GLY C 126 8.33 -2.36 10.80
N LEU C 127 7.10 -2.69 11.17
CA LEU C 127 6.86 -3.57 12.32
C LEU C 127 6.79 -5.02 11.86
N LYS C 128 7.11 -5.93 12.77
CA LYS C 128 7.02 -7.36 12.49
C LYS C 128 5.56 -7.78 12.33
N PRO C 129 5.29 -8.73 11.41
CA PRO C 129 3.95 -9.26 11.14
C PRO C 129 3.37 -10.06 12.29
N GLU C 130 3.32 -9.45 13.48
CA GLU C 130 2.73 -10.04 14.67
C GLU C 130 2.58 -8.93 15.70
N HIS C 131 3.17 -7.78 15.40
N HIS C 131 3.18 -7.78 15.41
CA HIS C 131 3.15 -6.63 16.27
CA HIS C 131 3.11 -6.64 16.30
C HIS C 131 2.17 -5.60 15.73
C HIS C 131 2.23 -5.53 15.71
N ARG C 132 1.90 -5.68 14.43
CA ARG C 132 1.05 -4.69 13.74
C ARG C 132 -0.37 -4.48 14.27
N PRO C 133 -1.08 -5.56 14.69
CA PRO C 133 -2.41 -5.33 15.24
C PRO C 133 -2.43 -4.44 16.49
N ALA C 134 -1.36 -4.45 17.27
CA ALA C 134 -1.26 -3.60 18.44
C ALA C 134 -1.11 -2.14 18.02
N TYR C 135 -0.39 -1.94 16.92
CA TYR C 135 -0.21 -0.61 16.35
C TYR C 135 -1.53 -0.09 15.81
N ASP C 136 -2.30 -0.98 15.21
CA ASP C 136 -3.59 -0.62 14.63
C ASP C 136 -4.59 -0.15 15.67
N ARG C 137 -4.71 -0.89 16.76
CA ARG C 137 -5.68 -0.58 17.82
C ARG C 137 -5.46 0.80 18.40
N VAL C 138 -4.20 1.21 18.52
CA VAL C 138 -3.88 2.55 19.02
C VAL C 138 -4.23 3.59 17.95
N LEU C 139 -3.94 3.25 16.70
CA LEU C 139 -4.23 4.13 15.57
C LEU C 139 -5.73 4.35 15.39
N ILE C 140 -6.49 3.25 15.41
CA ILE C 140 -7.95 3.31 15.26
C ILE C 140 -8.60 4.15 16.35
N ASP C 141 -8.19 3.94 17.59
CA ASP C 141 -8.73 4.70 18.71
C ASP C 141 -8.31 6.16 18.65
N ALA C 142 -7.07 6.41 18.25
CA ALA C 142 -6.57 7.77 18.11
C ALA C 142 -7.37 8.56 17.08
N LEU C 143 -7.89 7.84 16.09
CA LEU C 143 -8.71 8.45 15.03
C LEU C 143 -10.16 8.63 15.47
N ARG C 144 -10.68 7.64 16.19
N ARG C 144 -10.69 7.63 16.18
CA ARG C 144 -12.05 7.66 16.67
CA ARG C 144 -12.07 7.71 16.65
C ARG C 144 -12.24 8.76 17.72
C ARG C 144 -12.24 8.79 17.72
N ARG C 145 -11.21 8.97 18.54
CA ARG C 145 -11.24 10.01 19.56
C ARG C 145 -10.93 11.36 18.92
N GLY C 146 -10.57 11.33 17.64
CA GLY C 146 -10.38 12.52 16.85
C GLY C 146 -11.55 12.71 15.89
N SER C 147 -12.37 11.67 15.77
CA SER C 147 -13.62 11.76 15.01
C SER C 147 -14.62 12.49 15.89
N GLN C 148 -14.19 12.77 17.12
CA GLN C 148 -14.97 13.57 18.03
C GLN C 148 -14.29 14.93 18.26
N GLY D 39 -0.53 29.39 20.36
CA GLY D 39 -1.73 30.15 20.06
C GLY D 39 -2.03 30.18 18.57
N ASP D 40 -3.28 30.51 18.25
CA ASP D 40 -3.72 30.58 16.86
C ASP D 40 -3.82 32.05 16.43
N LEU D 41 -3.55 32.31 15.15
CA LEU D 41 -3.62 33.65 14.58
C LEU D 41 -4.96 34.33 14.89
N HIS D 42 -6.03 33.55 14.81
CA HIS D 42 -7.35 34.05 15.14
C HIS D 42 -7.42 34.43 16.61
N GLU D 43 -6.80 33.62 17.46
CA GLU D 43 -6.79 33.86 18.91
C GLU D 43 -5.71 34.84 19.33
N ILE D 44 -4.64 34.94 18.54
CA ILE D 44 -3.62 35.95 18.77
C ILE D 44 -4.25 37.33 18.61
N LEU D 45 -4.90 37.53 17.47
CA LEU D 45 -5.55 38.81 17.16
C LEU D 45 -6.65 39.15 18.16
N HIS D 46 -7.51 38.18 18.45
CA HIS D 46 -8.62 38.39 19.37
C HIS D 46 -8.18 38.89 20.74
N GLU D 47 -6.99 38.46 21.16
CA GLU D 47 -6.45 38.85 22.46
C GLU D 47 -5.60 40.11 22.38
N ALA D 48 -4.75 40.18 21.36
CA ALA D 48 -3.74 41.24 21.27
C ALA D 48 -4.31 42.62 20.92
N VAL D 49 -5.18 42.68 19.92
CA VAL D 49 -5.82 43.95 19.57
C VAL D 49 -7.24 44.03 20.11
N PRO D 50 -7.43 44.81 21.19
CA PRO D 50 -8.73 44.95 21.85
C PRO D 50 -9.63 45.94 21.11
N LEU D 51 -10.94 45.77 21.27
CA LEU D 51 -11.91 46.62 20.60
C LEU D 51 -12.61 47.52 21.62
N ASP D 52 -13.29 48.55 21.13
CA ASP D 52 -14.15 49.35 21.99
C ASP D 52 -15.52 48.69 22.07
N ALA D 53 -16.44 49.30 22.82
CA ALA D 53 -17.77 48.73 23.02
C ALA D 53 -18.55 48.65 21.71
N ASN D 54 -18.37 49.66 20.86
CA ASN D 54 -19.10 49.73 19.60
C ASN D 54 -18.55 48.77 18.54
N GLU D 55 -17.23 48.56 18.55
CA GLU D 55 -16.60 47.65 17.60
C GLU D 55 -16.99 46.19 17.87
N ARG D 56 -17.14 45.84 19.14
CA ARG D 56 -17.55 44.49 19.51
C ARG D 56 -19.00 44.22 19.13
N GLU D 57 -19.87 45.19 19.41
CA GLU D 57 -21.28 45.08 19.07
C GLU D 57 -21.48 44.96 17.56
N ILE D 58 -20.63 45.65 16.80
CA ILE D 58 -20.70 45.61 15.34
C ILE D 58 -20.16 44.30 14.76
N LEU D 59 -19.06 43.81 15.32
CA LEU D 59 -18.43 42.60 14.82
C LEU D 59 -19.12 41.31 15.29
N GLU D 60 -20.15 41.46 16.11
CA GLU D 60 -20.83 40.31 16.71
C GLU D 60 -21.42 39.36 15.66
N LEU D 61 -22.08 39.94 14.66
CA LEU D 61 -22.74 39.14 13.63
C LEU D 61 -21.73 38.38 12.76
N LYS D 62 -20.63 39.05 12.42
CA LYS D 62 -19.60 38.44 11.58
C LYS D 62 -18.80 37.38 12.32
N GLU D 63 -18.51 37.62 13.59
CA GLU D 63 -17.76 36.68 14.41
C GLU D 63 -18.53 35.37 14.59
N ASP D 64 -19.84 35.48 14.78
CA ASP D 64 -20.69 34.31 14.90
C ASP D 64 -20.76 33.57 13.57
N ALA D 65 -20.66 34.32 12.48
CA ALA D 65 -20.70 33.73 11.15
C ALA D 65 -19.46 32.89 10.88
N PHE D 66 -18.29 33.41 11.25
CA PHE D 66 -17.05 32.68 11.09
C PHE D 66 -16.99 31.48 12.01
N ALA D 67 -17.47 31.67 13.25
CA ALA D 67 -17.45 30.62 14.25
C ALA D 67 -18.21 29.38 13.78
N GLN D 68 -19.32 29.61 13.09
CA GLN D 68 -20.13 28.52 12.57
C GLN D 68 -19.56 27.96 11.27
N ARG D 69 -18.75 28.76 10.59
N ARG D 69 -18.73 28.76 10.60
CA ARG D 69 -18.06 28.31 9.39
CA ARG D 69 -18.06 28.31 9.39
C ARG D 69 -16.93 27.37 9.79
C ARG D 69 -16.92 27.37 9.78
N ARG D 70 -16.29 27.68 10.91
CA ARG D 70 -15.22 26.84 11.44
C ARG D 70 -15.77 25.51 11.92
N ARG D 71 -16.94 25.54 12.55
CA ARG D 71 -17.59 24.34 13.05
C ARG D 71 -17.96 23.40 11.91
N GLU D 72 -18.34 23.97 10.77
CA GLU D 72 -18.67 23.18 9.59
C GLU D 72 -17.46 22.43 9.07
N ILE D 73 -16.30 23.10 9.08
CA ILE D 73 -15.06 22.48 8.64
C ILE D 73 -14.57 21.46 9.67
N GLU D 74 -14.71 21.80 10.95
CA GLU D 74 -14.39 20.87 12.03
C GLU D 74 -15.21 19.60 11.90
N THR D 75 -16.49 19.77 11.58
CA THR D 75 -17.39 18.65 11.34
C THR D 75 -16.87 17.76 10.22
N ARG D 76 -16.43 18.39 9.14
CA ARG D 76 -15.89 17.68 7.99
C ARG D 76 -14.65 16.88 8.38
N LEU D 77 -13.79 17.49 9.19
CA LEU D 77 -12.58 16.83 9.66
C LEU D 77 -12.88 15.59 10.50
N ARG D 78 -13.79 15.75 11.47
CA ARG D 78 -14.18 14.64 12.33
C ARG D 78 -14.75 13.48 11.53
N ALA D 79 -15.63 13.80 10.58
CA ALA D 79 -16.24 12.79 9.73
C ALA D 79 -15.19 12.08 8.88
N ALA D 80 -14.14 12.81 8.52
CA ALA D 80 -13.05 12.25 7.74
C ALA D 80 -12.24 11.27 8.57
N ASN D 81 -12.02 11.62 9.84
CA ASN D 81 -11.25 10.78 10.75
C ASN D 81 -11.96 9.47 11.11
N GLY D 82 -13.27 9.55 11.29
CA GLY D 82 -14.07 8.37 11.58
C GLY D 82 -14.11 7.46 10.37
N LYS D 83 -14.01 8.05 9.19
CA LYS D 83 -14.00 7.31 7.95
C LYS D 83 -12.70 6.51 7.82
N LEU D 84 -11.59 7.12 8.27
CA LEU D 84 -10.30 6.45 8.30
C LEU D 84 -10.28 5.35 9.36
N ALA D 85 -10.87 5.64 10.51
CA ALA D 85 -10.94 4.69 11.61
C ALA D 85 -11.70 3.42 11.22
N ASP D 86 -12.86 3.60 10.59
CA ASP D 86 -13.68 2.49 10.15
C ASP D 86 -12.97 1.67 9.06
N ALA D 87 -12.29 2.37 8.16
CA ALA D 87 -11.60 1.73 7.05
C ALA D 87 -10.45 0.83 7.50
N ILE D 88 -9.58 1.38 8.34
CA ILE D 88 -8.42 0.66 8.85
C ILE D 88 -8.84 -0.56 9.67
N ALA D 89 -9.97 -0.45 10.36
CA ALA D 89 -10.48 -1.55 11.16
C ALA D 89 -10.96 -2.71 10.29
N LYS D 90 -11.35 -2.40 9.06
CA LYS D 90 -11.78 -3.43 8.11
C LYS D 90 -10.59 -4.00 7.36
N ASN D 91 -9.68 -3.11 6.96
CA ASN D 91 -8.46 -3.53 6.28
C ASN D 91 -7.36 -2.48 6.44
N PRO D 92 -6.45 -2.71 7.41
CA PRO D 92 -5.37 -1.77 7.74
C PRO D 92 -4.41 -1.57 6.57
N ALA D 93 -4.85 -0.80 5.58
CA ALA D 93 -4.09 -0.64 4.35
C ALA D 93 -4.48 0.67 3.66
N TRP D 94 -3.74 1.03 2.62
CA TRP D 94 -4.06 2.26 1.88
C TRP D 94 -5.11 1.98 0.81
N SER D 95 -6.35 1.76 1.25
CA SER D 95 -7.46 1.40 0.39
C SER D 95 -8.04 2.65 -0.28
N PRO D 96 -8.96 2.46 -1.26
CA PRO D 96 -9.71 3.60 -1.79
C PRO D 96 -10.43 4.39 -0.70
N GLU D 97 -10.90 3.70 0.33
CA GLU D 97 -11.54 4.36 1.46
C GLU D 97 -10.56 5.27 2.20
N VAL D 98 -9.30 4.83 2.27
CA VAL D 98 -8.27 5.61 2.96
C VAL D 98 -7.81 6.80 2.13
N GLU D 99 -7.59 6.58 0.84
CA GLU D 99 -7.19 7.65 -0.06
C GLU D 99 -8.23 8.76 -0.11
N ALA D 100 -9.50 8.39 -0.19
CA ALA D 100 -10.59 9.36 -0.25
C ALA D 100 -10.69 10.20 1.01
N ALA D 101 -10.59 9.55 2.16
CA ALA D 101 -10.69 10.22 3.46
C ALA D 101 -9.52 11.17 3.69
N THR D 102 -8.33 10.75 3.28
CA THR D 102 -7.14 11.59 3.41
C THR D 102 -7.33 12.87 2.61
N GLN D 103 -7.87 12.75 1.40
CA GLN D 103 -8.15 13.90 0.56
C GLN D 103 -9.18 14.83 1.20
N GLU D 104 -10.15 14.25 1.89
CA GLU D 104 -11.14 15.05 2.62
C GLU D 104 -10.48 15.83 3.75
N VAL D 105 -9.54 15.18 4.44
CA VAL D 105 -8.76 15.83 5.49
C VAL D 105 -7.92 16.96 4.88
N GLU D 106 -7.28 16.66 3.76
CA GLU D 106 -6.44 17.63 3.07
C GLU D 106 -7.21 18.89 2.69
N ARG D 107 -8.44 18.71 2.23
CA ARG D 107 -9.28 19.83 1.80
C ARG D 107 -9.72 20.68 2.98
N ALA D 108 -10.21 20.03 4.03
CA ALA D 108 -10.73 20.74 5.20
C ALA D 108 -9.63 21.51 5.92
N ALA D 109 -8.43 20.96 5.94
CA ALA D 109 -7.29 21.62 6.55
C ALA D 109 -6.94 22.90 5.80
N GLY D 110 -7.05 22.86 4.48
CA GLY D 110 -6.80 24.01 3.64
C GLY D 110 -7.92 25.03 3.73
N ASP D 111 -9.15 24.54 3.85
CA ASP D 111 -10.32 25.41 3.97
C ASP D 111 -10.26 26.30 5.20
N LEU D 112 -9.81 25.73 6.31
CA LEU D 112 -9.70 26.46 7.57
C LEU D 112 -8.73 27.63 7.45
N GLN D 113 -7.63 27.42 6.73
CA GLN D 113 -6.63 28.46 6.54
C GLN D 113 -7.21 29.65 5.77
N ARG D 114 -7.90 29.36 4.67
CA ARG D 114 -8.52 30.40 3.86
C ARG D 114 -9.67 31.08 4.60
N ALA D 115 -10.53 30.28 5.22
CA ALA D 115 -11.68 30.80 5.95
C ALA D 115 -11.26 31.74 7.08
N THR D 116 -10.16 31.39 7.75
CA THR D 116 -9.63 32.21 8.82
C THR D 116 -9.12 33.55 8.27
N LEU D 117 -8.44 33.48 7.13
CA LEU D 117 -7.85 34.68 6.54
C LEU D 117 -8.93 35.65 6.05
N VAL D 118 -9.99 35.11 5.47
CA VAL D 118 -11.13 35.92 5.02
C VAL D 118 -11.76 36.62 6.22
N HIS D 119 -11.91 35.87 7.31
CA HIS D 119 -12.44 36.43 8.55
C HIS D 119 -11.56 37.54 9.09
N VAL D 120 -10.24 37.37 8.95
CA VAL D 120 -9.29 38.39 9.41
C VAL D 120 -9.51 39.72 8.69
N PHE D 121 -9.74 39.65 7.38
CA PHE D 121 -10.01 40.86 6.59
C PHE D 121 -11.40 41.42 6.87
N GLU D 122 -12.38 40.54 7.03
CA GLU D 122 -13.76 40.96 7.33
C GLU D 122 -13.80 41.73 8.64
N ALA D 123 -13.09 41.24 9.64
CA ALA D 123 -13.03 41.89 10.94
C ALA D 123 -12.33 43.25 10.83
N ARG D 124 -11.36 43.33 9.94
CA ARG D 124 -10.59 44.56 9.76
C ARG D 124 -11.46 45.66 9.18
N ALA D 125 -12.41 45.29 8.34
CA ALA D 125 -13.30 46.25 7.70
C ALA D 125 -14.20 46.95 8.72
N GLY D 126 -14.65 46.21 9.73
CA GLY D 126 -15.55 46.75 10.73
C GLY D 126 -14.85 47.51 11.83
N LEU D 127 -13.56 47.80 11.63
CA LEU D 127 -12.78 48.55 12.62
C LEU D 127 -12.70 50.02 12.26
N LYS D 128 -12.60 50.87 13.28
CA LYS D 128 -12.31 52.28 13.08
C LYS D 128 -10.97 52.39 12.36
N PRO D 129 -10.87 53.35 11.43
CA PRO D 129 -9.62 53.59 10.69
C PRO D 129 -8.42 53.83 11.59
N GLU D 130 -8.65 54.43 12.76
CA GLU D 130 -7.57 54.71 13.71
C GLU D 130 -7.03 53.45 14.39
N HIS D 131 -7.90 52.45 14.57
CA HIS D 131 -7.56 51.24 15.31
C HIS D 131 -6.93 50.17 14.42
N ARG D 132 -7.00 50.39 13.11
CA ARG D 132 -6.48 49.41 12.15
C ARG D 132 -4.95 49.20 12.13
N PRO D 133 -4.15 50.27 12.35
CA PRO D 133 -2.70 50.02 12.41
C PRO D 133 -2.29 49.04 13.52
N ALA D 134 -2.98 49.09 14.66
CA ALA D 134 -2.68 48.19 15.77
C ALA D 134 -3.04 46.76 15.40
N TYR D 135 -4.22 46.58 14.83
CA TYR D 135 -4.69 45.30 14.34
C TYR D 135 -3.71 44.74 13.30
N ASP D 136 -3.33 45.59 12.35
CA ASP D 136 -2.37 45.22 11.32
C ASP D 136 -1.03 44.80 11.91
N ARG D 137 -0.56 45.54 12.91
CA ARG D 137 0.72 45.26 13.55
C ARG D 137 0.77 43.87 14.15
N VAL D 138 -0.27 43.50 14.90
CA VAL D 138 -0.36 42.18 15.48
C VAL D 138 -0.45 41.13 14.38
N LEU D 139 -1.27 41.43 13.38
CA LEU D 139 -1.47 40.54 12.24
C LEU D 139 -0.15 40.25 11.53
N ILE D 140 0.56 41.30 11.11
CA ILE D 140 1.82 41.13 10.40
C ILE D 140 2.88 40.42 11.24
N ASP D 141 2.97 40.78 12.52
CA ASP D 141 3.96 40.19 13.42
C ASP D 141 3.70 38.71 13.67
N ALA D 142 2.45 38.37 13.98
CA ALA D 142 2.05 37.00 14.24
C ALA D 142 2.33 36.11 13.03
N LEU D 143 2.17 36.71 11.85
N LEU D 143 2.20 36.67 11.83
CA LEU D 143 2.38 36.06 10.57
CA LEU D 143 2.44 35.87 10.65
C LEU D 143 3.86 35.99 10.24
C LEU D 143 3.85 36.09 10.07
N ARG D 144 4.60 36.99 10.70
CA ARG D 144 6.04 37.07 10.44
C ARG D 144 6.74 35.99 11.24
N ARG D 145 6.18 35.69 12.41
CA ARG D 145 6.69 34.61 13.25
C ARG D 145 6.50 33.26 12.58
N GLY D 146 5.49 33.17 11.71
CA GLY D 146 5.20 31.95 10.98
C GLY D 146 6.07 31.77 9.75
N SER D 147 6.97 32.73 9.53
CA SER D 147 7.91 32.66 8.40
C SER D 147 9.28 32.22 8.86
N GLN D 148 9.44 32.11 10.19
CA GLN D 148 10.74 31.80 10.77
C GLN D 148 10.73 30.45 11.50
C1 PEG E . -5.02 -4.74 0.79
O1 PEG E . -5.03 -5.60 1.94
C2 PEG E . -3.70 -3.98 0.75
O2 PEG E . -3.67 -3.12 -0.40
C3 PEG E . -2.44 -2.40 -0.41
C4 PEG E . -2.51 -1.22 0.58
O4 PEG E . -1.28 -0.50 0.58
NI NI F . 5.06 -4.85 -7.46
C1 PEG G . -6.38 -25.45 -7.98
O1 PEG G . -6.59 -26.51 -7.06
C2 PEG G . -5.96 -24.19 -7.20
O2 PEG G . -7.00 -23.84 -6.28
C3 PEG G . -6.57 -22.79 -5.42
C4 PEG G . -6.44 -21.48 -6.20
O4 PEG G . -6.00 -20.44 -5.33
C1 PEG H . 8.90 -1.82 -3.97
O1 PEG H . 7.99 -0.78 -4.36
C2 PEG H . 9.88 -1.27 -2.93
O2 PEG H . 10.62 -0.17 -3.49
C3 PEG H . 11.32 -0.60 -4.66
C4 PEG H . 11.96 0.62 -5.34
O4 PEG H . 12.67 0.20 -6.51
CL CL I . 6.01 -26.05 -5.51
CL CL J . 24.08 -37.45 -0.36
NI NI K . 10.54 -37.82 -15.25
C1 GOL L . 10.07 -7.28 9.52
O1 GOL L . 9.02 -7.30 8.57
C2 GOL L . 10.45 -5.84 9.84
O2 GOL L . 9.37 -4.99 9.51
C3 GOL L . 10.78 -5.72 11.32
O3 GOL L . 11.92 -6.49 11.63
NI NI M . 6.87 8.98 13.67
C1 GOL N . 8.43 10.31 1.36
O1 GOL N . 9.51 11.22 1.39
C2 GOL N . 8.54 9.39 2.57
O2 GOL N . 8.11 8.09 2.21
C3 GOL N . 7.63 9.94 3.67
O3 GOL N . 8.09 9.53 4.94
C1 GOL O . 10.14 3.63 3.95
C1 GOL O . 10.55 3.98 4.28
O1 GOL O . 9.07 3.48 4.85
O1 GOL O . 11.03 5.27 3.93
C2 GOL O . 9.76 3.00 2.61
C2 GOL O . 10.05 3.29 3.02
O2 GOL O . 10.31 3.76 1.56
O2 GOL O . 10.63 3.88 1.89
C3 GOL O . 8.24 2.94 2.49
C3 GOL O . 8.53 3.41 2.95
O3 GOL O . 7.71 2.06 3.45
O3 GOL O . 8.04 2.70 1.84
C1 PEG P . 3.49 25.76 -1.09
O1 PEG P . 2.23 25.16 -1.40
C2 PEG P . 4.21 26.14 -2.39
O2 PEG P . 5.47 26.74 -2.06
C3 PEG P . 5.28 27.95 -1.34
C4 PEG P . 6.62 28.49 -0.85
O4 PEG P . 7.48 28.74 -1.96
C1 PGE Q . 23.12 0.25 16.10
O1 PGE Q . 21.80 0.72 15.84
C2 PGE Q . 24.02 0.59 14.91
O2 PGE Q . 23.53 -0.04 13.71
C3 PGE Q . 23.71 -1.46 13.74
C4 PGE Q . 22.36 -2.18 13.76
O4 PGE Q . 19.68 -4.71 15.79
C6 PGE Q . 20.92 -4.03 15.52
C5 PGE Q . 21.33 -4.27 14.07
O3 PGE Q . 22.57 -3.59 13.79
NI NI R . -12.41 36.86 15.00
#